data_5HCN
#
_entry.id   5HCN
#
_cell.length_a   116.240
_cell.length_b   116.240
_cell.length_c   56.760
_cell.angle_alpha   90.000
_cell.angle_beta   90.000
_cell.angle_gamma   90.000
#
_symmetry.space_group_name_H-M   'P 41 21 2'
#
loop_
_entity.id
_entity.type
_entity.pdbx_description
1 polymer 'GPN-loop GTPase 1'
2 non-polymer 'LAURIC ACID'
3 non-polymer 'PHOSPHOMETHYLPHOSPHONIC ACID GUANYLATE ESTER'
4 non-polymer 'MAGNESIUM ION'
5 non-polymer GLYCEROL
6 water water
#
_entity_poly.entity_id   1
_entity_poly.type   'polypeptide(L)'
_entity_poly.pdbx_seq_one_letter_code
;SLSTIICIGMAGSGKTTFMQRLNSHLRAEKTPPYVINLDPAVLRVPYGANIDIRDSIKYKKVMENYQLGPNGAIVTSLNL
FSTKIDQVIRLVEQKKDKFQNCIIDTPGQIECFVWSASGAIITESFASSFPTVIAYIVDTPRNSSPTTFMSNMLYACSIL
YKTKLPMIVVFNKTDVCKADFAKEWMTDFESFQAAIKEDQDGYMSSLVNSMSLMLEEFYSQLDVVGVSSFTGDGFDEFMQ
CVDKKVDEYDQYYKKHHHHHH
;
_entity_poly.pdbx_strand_id   A
#
# COMPACT_ATOMS: atom_id res chain seq x y z
N SER A 1 -17.66 2.65 -10.42
CA SER A 1 -16.92 1.48 -10.86
C SER A 1 -15.41 1.74 -10.88
N LEU A 2 -14.97 2.72 -10.09
CA LEU A 2 -13.55 3.04 -9.90
C LEU A 2 -12.95 2.28 -8.71
N SER A 3 -11.65 2.00 -8.77
CA SER A 3 -10.97 1.32 -7.65
C SER A 3 -9.78 2.14 -7.13
N THR A 4 -9.43 1.98 -5.86
CA THR A 4 -8.40 2.84 -5.25
C THR A 4 -7.14 2.12 -4.80
N ILE A 5 -5.99 2.68 -5.16
CA ILE A 5 -4.70 2.12 -4.77
C ILE A 5 -3.94 3.11 -3.89
N ILE A 6 -3.51 2.64 -2.72
CA ILE A 6 -2.91 3.52 -1.71
C ILE A 6 -1.48 3.09 -1.52
N CYS A 7 -0.57 3.98 -1.86
CA CYS A 7 0.85 3.63 -1.82
C CYS A 7 1.45 3.99 -0.47
N ILE A 8 2.04 2.97 0.16
CA ILE A 8 2.64 3.08 1.47
C ILE A 8 4.00 2.42 1.45
N GLY A 9 4.98 3.00 2.14
CA GLY A 9 6.29 2.38 2.24
C GLY A 9 7.27 3.27 2.99
N MET A 10 8.33 2.69 3.55
CA MET A 10 9.28 3.50 4.32
C MET A 10 9.96 4.50 3.42
N ALA A 11 10.54 5.53 4.04
CA ALA A 11 11.33 6.52 3.31
C ALA A 11 12.35 5.84 2.41
N GLY A 12 12.38 6.25 1.14
CA GLY A 12 13.35 5.73 0.20
C GLY A 12 12.97 4.44 -0.53
N SER A 13 11.79 3.89 -0.23
CA SER A 13 11.34 2.69 -0.90
C SER A 13 11.01 2.95 -2.36
N GLY A 14 10.85 4.23 -2.70
CA GLY A 14 10.57 4.65 -4.07
C GLY A 14 9.09 4.73 -4.41
N LYS A 15 8.26 5.12 -3.45
CA LYS A 15 6.83 5.09 -3.68
C LYS A 15 6.37 6.20 -4.63
N THR A 16 7.00 7.37 -4.57
CA THR A 16 6.62 8.44 -5.50
C THR A 16 7.04 8.09 -6.94
N THR A 17 8.22 7.50 -7.12
CA THR A 17 8.66 7.05 -8.45
C THR A 17 7.74 5.92 -8.95
N PHE A 18 7.36 5.03 -8.04
CA PHE A 18 6.41 3.95 -8.31
C PHE A 18 5.06 4.48 -8.80
N MET A 19 4.56 5.52 -8.15
CA MET A 19 3.29 6.11 -8.53
C MET A 19 3.35 6.84 -9.88
N GLN A 20 4.41 7.61 -10.09
CA GLN A 20 4.70 8.13 -11.44
C GLN A 20 4.65 7.04 -12.52
N ARG A 21 5.35 5.94 -12.27
CA ARG A 21 5.41 4.85 -13.24
C ARG A 21 4.04 4.16 -13.37
N LEU A 22 3.28 4.09 -12.29
CA LEU A 22 1.94 3.53 -12.35
C LEU A 22 1.03 4.42 -13.19
N ASN A 23 1.20 5.72 -12.99
CA ASN A 23 0.42 6.73 -13.69
C ASN A 23 0.71 6.59 -15.17
N SER A 24 2.00 6.67 -15.48
CA SER A 24 2.46 6.59 -16.85
C SER A 24 2.01 5.28 -17.48
N HIS A 25 2.13 4.19 -16.74
CA HIS A 25 1.72 2.89 -17.23
C HIS A 25 0.23 2.83 -17.51
N LEU A 26 -0.56 3.49 -16.67
CA LEU A 26 -2.00 3.54 -16.83
C LEU A 26 -2.41 4.48 -17.95
N ARG A 27 -1.66 5.58 -18.08
CA ARG A 27 -1.86 6.50 -19.20
C ARG A 27 -1.62 5.80 -20.52
N ALA A 28 -0.59 4.96 -20.55
CA ALA A 28 -0.26 4.20 -21.75
C ALA A 28 -1.44 3.34 -22.18
N GLU A 29 -2.16 2.79 -21.20
CA GLU A 29 -3.32 1.97 -21.50
C GLU A 29 -4.54 2.86 -21.74
N LYS A 30 -4.28 4.16 -21.92
CA LYS A 30 -5.31 5.18 -22.14
C LYS A 30 -6.39 5.19 -21.02
N THR A 31 -5.98 4.80 -19.82
CA THR A 31 -6.84 4.88 -18.65
C THR A 31 -6.19 5.72 -17.56
N PRO A 32 -6.09 7.05 -17.77
CA PRO A 32 -5.44 7.85 -16.73
C PRO A 32 -6.14 7.75 -15.39
N PRO A 33 -5.37 7.84 -14.31
CA PRO A 33 -5.92 7.77 -12.95
C PRO A 33 -6.21 9.14 -12.36
N TYR A 34 -7.13 9.15 -11.38
CA TYR A 34 -7.33 10.26 -10.49
C TYR A 34 -6.24 10.17 -9.45
N VAL A 35 -5.55 11.28 -9.18
CA VAL A 35 -4.40 11.25 -8.31
C VAL A 35 -4.58 12.09 -7.06
N ILE A 36 -4.25 11.50 -5.92
CA ILE A 36 -4.27 12.18 -4.64
C ILE A 36 -2.91 12.12 -3.90
N ASN A 37 -2.35 13.28 -3.56
CA ASN A 37 -1.11 13.33 -2.78
C ASN A 37 -1.29 13.79 -1.34
N LEU A 38 -0.90 12.93 -0.40
CA LEU A 38 -1.05 13.22 1.02
C LEU A 38 0.27 13.50 1.71
N ASP A 39 1.35 13.65 0.95
CA ASP A 39 2.62 14.09 1.54
C ASP A 39 2.68 15.60 1.46
N PRO A 40 2.65 16.27 2.62
CA PRO A 40 2.71 17.73 2.65
C PRO A 40 4.10 18.24 2.24
N ALA A 41 5.12 17.45 2.55
CA ALA A 41 6.50 17.90 2.46
C ALA A 41 7.10 17.85 1.06
N VAL A 42 6.41 17.21 0.11
CA VAL A 42 7.02 16.99 -1.21
C VAL A 42 7.20 18.27 -2.00
N LEU A 43 8.17 18.22 -2.90
CA LEU A 43 8.40 19.30 -3.85
C LEU A 43 7.38 19.20 -4.96
N ARG A 44 7.53 18.21 -5.82
CA ARG A 44 6.66 18.03 -6.97
C ARG A 44 5.68 16.89 -6.73
N VAL A 45 4.65 16.85 -7.55
CA VAL A 45 3.84 15.66 -7.71
C VAL A 45 3.89 15.31 -9.18
N PRO A 46 4.43 14.12 -9.49
CA PRO A 46 4.81 13.62 -10.80
C PRO A 46 4.03 14.23 -11.95
N TYR A 47 2.75 13.88 -12.07
CA TYR A 47 1.97 14.40 -13.18
C TYR A 47 1.15 15.62 -12.76
N GLY A 48 0.69 15.56 -11.52
CA GLY A 48 -0.27 16.49 -11.00
C GLY A 48 -1.26 15.73 -10.17
N ALA A 49 -1.52 16.24 -8.97
CA ALA A 49 -2.50 15.67 -8.07
C ALA A 49 -3.83 16.39 -8.26
N ASN A 50 -4.89 15.61 -8.47
CA ASN A 50 -6.23 16.15 -8.63
C ASN A 50 -6.75 16.68 -7.32
N ILE A 51 -6.38 16.00 -6.25
CA ILE A 51 -6.55 16.51 -4.91
C ILE A 51 -5.21 16.45 -4.19
N ASP A 52 -4.66 17.63 -3.91
CA ASP A 52 -3.36 17.75 -3.28
C ASP A 52 -3.54 18.40 -1.92
N ILE A 53 -2.88 17.81 -0.92
CA ILE A 53 -3.12 18.17 0.47
C ILE A 53 -2.58 19.56 0.79
N ARG A 54 -1.48 19.95 0.16
CA ARG A 54 -0.79 21.15 0.61
C ARG A 54 -1.45 22.45 0.16
N ASP A 55 -2.07 22.48 -1.02
CA ASP A 55 -2.77 23.71 -1.41
C ASP A 55 -4.14 23.76 -0.75
N SER A 56 -4.41 22.74 0.06
CA SER A 56 -5.59 22.72 0.93
C SER A 56 -5.19 23.12 2.35
N ILE A 57 -3.95 22.79 2.73
CA ILE A 57 -3.43 23.04 4.07
C ILE A 57 -1.96 23.48 4.04
N LYS A 58 -1.69 24.70 4.50
CA LYS A 58 -0.32 25.21 4.53
C LYS A 58 0.12 25.49 5.96
N TYR A 59 1.38 25.15 6.28
CA TYR A 59 1.91 25.43 7.62
C TYR A 59 3.03 26.48 7.58
N LYS A 60 2.92 27.57 8.36
CA LYS A 60 1.90 27.87 9.39
C LYS A 60 1.90 26.78 10.48
N LYS A 61 3.09 26.23 10.75
CA LYS A 61 3.22 25.26 11.83
C LYS A 61 3.60 25.97 13.13
N VAL A 62 3.04 25.49 14.24
CA VAL A 62 3.23 26.12 15.53
C VAL A 62 3.40 25.09 16.65
N GLY A 69 7.51 18.93 15.67
CA GLY A 69 8.65 19.59 15.06
C GLY A 69 8.61 19.54 13.54
N PRO A 70 9.37 18.60 12.94
CA PRO A 70 9.31 18.28 11.52
C PRO A 70 8.46 17.03 11.25
N ASN A 71 8.15 16.29 12.31
CA ASN A 71 7.33 15.09 12.21
C ASN A 71 5.92 15.33 12.69
N GLY A 72 5.79 16.08 13.78
CA GLY A 72 4.49 16.54 14.23
C GLY A 72 3.86 17.43 13.16
N ALA A 73 4.72 18.20 12.47
CA ALA A 73 4.30 19.11 11.41
C ALA A 73 3.71 18.36 10.22
N ILE A 74 4.16 17.13 10.03
CA ILE A 74 3.57 16.26 9.03
C ILE A 74 2.31 15.62 9.60
N VAL A 75 2.38 15.19 10.87
CA VAL A 75 1.23 14.59 11.54
C VAL A 75 0.00 15.47 11.45
N THR A 76 0.12 16.70 11.96
CA THR A 76 -1.01 17.62 12.04
C THR A 76 -1.69 17.84 10.70
N SER A 77 -0.90 17.91 9.64
CA SER A 77 -1.44 18.16 8.31
C SER A 77 -2.45 17.08 7.96
N LEU A 78 -2.09 15.84 8.24
CA LEU A 78 -2.98 14.72 8.03
C LEU A 78 -4.28 14.93 8.77
N ASN A 79 -4.16 15.32 10.04
CA ASN A 79 -5.32 15.56 10.88
C ASN A 79 -6.30 16.52 10.23
N LEU A 80 -5.80 17.70 9.85
CA LEU A 80 -6.61 18.71 9.19
C LEU A 80 -7.32 18.14 7.98
N PHE A 81 -6.60 17.34 7.21
CA PHE A 81 -7.15 16.76 6.01
C PHE A 81 -8.28 15.80 6.35
N SER A 82 -7.99 14.89 7.27
CA SER A 82 -8.90 13.81 7.61
C SER A 82 -10.29 14.28 8.05
N THR A 83 -10.45 15.58 8.31
CA THR A 83 -11.74 16.08 8.75
C THR A 83 -12.68 16.38 7.58
N LYS A 84 -12.16 16.98 6.52
CA LYS A 84 -12.96 17.24 5.31
C LYS A 84 -13.07 15.95 4.47
N ILE A 85 -12.78 14.82 5.08
CA ILE A 85 -12.70 13.54 4.36
C ILE A 85 -13.99 13.19 3.61
N ASP A 86 -15.14 13.42 4.23
CA ASP A 86 -16.41 13.06 3.60
C ASP A 86 -16.63 13.89 2.34
N GLN A 87 -16.09 15.10 2.34
CA GLN A 87 -16.20 15.96 1.17
C GLN A 87 -15.33 15.41 0.05
N VAL A 88 -14.13 14.97 0.43
CA VAL A 88 -13.18 14.38 -0.52
C VAL A 88 -13.80 13.19 -1.22
N ILE A 89 -14.35 12.28 -0.43
CA ILE A 89 -15.05 11.12 -0.95
C ILE A 89 -16.20 11.49 -1.89
N ARG A 90 -16.96 12.53 -1.55
CA ARG A 90 -18.01 13.01 -2.44
C ARG A 90 -17.42 13.37 -3.80
N LEU A 91 -16.29 14.07 -3.77
CA LEU A 91 -15.62 14.54 -4.96
C LEU A 91 -15.20 13.36 -5.85
N VAL A 92 -14.50 12.39 -5.26
CA VAL A 92 -14.05 11.20 -5.98
C VAL A 92 -15.22 10.34 -6.47
N GLU A 93 -16.29 10.31 -5.68
CA GLU A 93 -17.45 9.51 -6.06
C GLU A 93 -18.12 10.10 -7.29
N GLN A 94 -18.15 11.42 -7.37
CA GLN A 94 -18.71 12.11 -8.53
C GLN A 94 -17.91 11.77 -9.80
N LYS A 95 -16.64 11.46 -9.61
CA LYS A 95 -15.78 11.19 -10.74
C LYS A 95 -15.48 9.69 -10.85
N LYS A 96 -16.35 8.85 -10.28
CA LYS A 96 -16.06 7.41 -10.14
C LYS A 96 -16.28 6.57 -11.40
N ASP A 97 -16.87 7.16 -12.43
CA ASP A 97 -17.09 6.41 -13.66
C ASP A 97 -16.30 7.03 -14.80
N LYS A 98 -15.62 8.13 -14.51
CA LYS A 98 -14.74 8.78 -15.48
C LYS A 98 -13.36 8.15 -15.44
N PHE A 99 -12.86 7.89 -14.24
CA PHE A 99 -11.53 7.30 -14.07
C PHE A 99 -11.60 5.86 -13.62
N GLN A 100 -10.72 5.04 -14.19
CA GLN A 100 -10.65 3.63 -13.85
C GLN A 100 -10.07 3.41 -12.45
N ASN A 101 -9.08 4.22 -12.11
CA ASN A 101 -8.38 4.09 -10.83
C ASN A 101 -8.14 5.42 -10.14
N CYS A 102 -8.12 5.38 -8.82
CA CYS A 102 -7.67 6.50 -8.04
C CYS A 102 -6.39 6.09 -7.35
N ILE A 103 -5.36 6.91 -7.50
CA ILE A 103 -4.06 6.56 -6.93
C ILE A 103 -3.67 7.50 -5.80
N ILE A 104 -3.31 6.95 -4.64
CA ILE A 104 -2.98 7.77 -3.49
C ILE A 104 -1.52 7.65 -3.00
N ASP A 105 -0.81 8.76 -2.95
CA ASP A 105 0.52 8.79 -2.39
C ASP A 105 0.47 9.20 -0.94
N THR A 106 1.36 8.62 -0.14
CA THR A 106 1.37 8.90 1.29
C THR A 106 2.73 9.44 1.68
N PRO A 107 2.84 10.06 2.85
CA PRO A 107 4.15 10.62 3.20
C PRO A 107 5.16 9.53 3.60
N GLY A 108 6.43 9.85 3.44
CA GLY A 108 7.51 8.93 3.79
C GLY A 108 7.52 8.51 5.25
N GLN A 109 7.40 9.48 6.14
CA GLN A 109 7.19 9.20 7.56
C GLN A 109 6.02 8.24 7.66
N ILE A 110 6.32 6.95 7.73
CA ILE A 110 5.29 5.96 7.54
C ILE A 110 4.40 5.82 8.77
N GLU A 111 4.99 5.98 9.96
CA GLU A 111 4.24 5.75 11.19
C GLU A 111 3.07 6.71 11.23
N CYS A 112 3.32 7.92 10.73
CA CYS A 112 2.36 9.02 10.74
C CYS A 112 1.06 8.68 10.01
N PHE A 113 1.07 7.59 9.25
CA PHE A 113 -0.11 7.26 8.47
C PHE A 113 -0.70 5.92 8.88
N VAL A 114 0.15 4.94 9.14
CA VAL A 114 -0.31 3.58 9.40
C VAL A 114 -0.86 3.37 10.82
N TRP A 115 -0.24 3.99 11.81
CA TRP A 115 -0.66 3.80 13.20
C TRP A 115 -1.63 4.88 13.63
N SER A 116 -1.47 6.07 13.05
CA SER A 116 -2.29 7.22 13.42
C SER A 116 -3.77 6.96 13.16
N ALA A 117 -4.62 7.75 13.82
CA ALA A 117 -6.06 7.55 13.73
C ALA A 117 -6.65 8.34 12.57
N SER A 118 -6.12 9.52 12.31
CA SER A 118 -6.55 10.30 11.16
C SER A 118 -6.09 9.60 9.89
N GLY A 119 -5.02 8.82 10.00
CA GLY A 119 -4.58 8.01 8.89
C GLY A 119 -5.57 6.90 8.63
N ALA A 120 -6.03 6.26 9.70
CA ALA A 120 -6.89 5.09 9.59
C ALA A 120 -8.27 5.49 9.11
N ILE A 121 -8.64 6.72 9.41
CA ILE A 121 -9.93 7.26 9.00
C ILE A 121 -9.99 7.46 7.48
N ILE A 122 -8.98 8.14 6.95
CA ILE A 122 -8.83 8.35 5.51
C ILE A 122 -8.90 7.02 4.75
N THR A 123 -8.09 6.06 5.20
CA THR A 123 -8.11 4.73 4.63
C THR A 123 -9.50 4.09 4.68
N GLU A 124 -10.11 4.05 5.86
CA GLU A 124 -11.43 3.45 6.00
C GLU A 124 -12.49 4.18 5.16
N SER A 125 -12.43 5.51 5.14
CA SER A 125 -13.39 6.29 4.37
C SER A 125 -13.31 5.94 2.89
N PHE A 126 -12.12 5.61 2.42
CA PHE A 126 -11.96 5.14 1.05
C PHE A 126 -12.41 3.70 0.93
N ALA A 127 -12.02 2.89 1.90
CA ALA A 127 -12.39 1.48 1.90
C ALA A 127 -13.91 1.32 1.84
N SER A 128 -14.63 2.19 2.56
CA SER A 128 -16.08 2.06 2.66
C SER A 128 -16.83 2.60 1.45
N SER A 129 -16.11 3.20 0.50
CA SER A 129 -16.79 3.75 -0.67
C SER A 129 -16.32 3.13 -1.99
N PHE A 130 -15.07 2.67 -2.02
CA PHE A 130 -14.53 2.01 -3.23
C PHE A 130 -13.77 0.75 -2.86
N PRO A 131 -13.68 -0.20 -3.80
CA PRO A 131 -12.70 -1.28 -3.58
C PRO A 131 -11.32 -0.64 -3.46
N THR A 132 -10.62 -0.80 -2.33
CA THR A 132 -9.27 -0.25 -2.29
C THR A 132 -8.23 -1.27 -1.82
N VAL A 133 -7.07 -1.22 -2.50
CA VAL A 133 -5.93 -2.11 -2.28
C VAL A 133 -4.76 -1.30 -1.75
N ILE A 134 -4.06 -1.82 -0.75
CA ILE A 134 -2.82 -1.21 -0.26
C ILE A 134 -1.63 -1.65 -1.11
N ALA A 135 -0.88 -0.71 -1.68
CA ALA A 135 0.37 -1.10 -2.35
C ALA A 135 1.52 -0.84 -1.40
N TYR A 136 2.15 -1.91 -0.89
CA TYR A 136 3.19 -1.70 0.10
C TYR A 136 4.55 -1.78 -0.57
N ILE A 137 5.13 -0.61 -0.81
CA ILE A 137 6.37 -0.51 -1.57
C ILE A 137 7.56 -0.84 -0.67
N VAL A 138 8.38 -1.76 -1.14
CA VAL A 138 9.53 -2.19 -0.36
C VAL A 138 10.83 -1.81 -1.07
N ASP A 139 11.77 -1.27 -0.30
CA ASP A 139 13.10 -0.98 -0.80
C ASP A 139 13.96 -2.22 -1.03
N THR A 140 13.65 -2.99 -2.08
CA THR A 140 14.27 -4.28 -2.30
C THR A 140 15.80 -4.35 -2.24
N PRO A 141 16.53 -3.36 -2.80
CA PRO A 141 17.97 -3.59 -2.74
C PRO A 141 18.57 -3.47 -1.34
N ARG A 142 17.75 -3.26 -0.33
CA ARG A 142 18.24 -3.25 1.05
C ARG A 142 17.25 -3.95 1.97
N ASN A 143 16.33 -4.71 1.39
CA ASN A 143 15.29 -5.42 2.13
C ASN A 143 15.84 -6.31 3.25
N SER A 144 17.06 -6.82 3.05
CA SER A 144 17.64 -7.81 3.97
C SER A 144 18.36 -7.15 5.15
N SER A 145 18.61 -5.85 5.07
CA SER A 145 19.14 -5.14 6.23
C SER A 145 18.18 -5.27 7.41
N PRO A 146 18.70 -5.62 8.60
CA PRO A 146 17.88 -6.09 9.71
C PRO A 146 16.81 -5.08 10.19
N THR A 147 17.18 -3.81 10.33
CA THR A 147 16.22 -2.78 10.72
C THR A 147 15.14 -2.62 9.66
N THR A 148 15.54 -2.70 8.40
CA THR A 148 14.61 -2.55 7.30
C THR A 148 13.66 -3.73 7.20
N PHE A 149 14.23 -4.93 7.30
CA PHE A 149 13.42 -6.14 7.34
C PHE A 149 12.41 -6.12 8.50
N MET A 150 12.90 -5.82 9.70
CA MET A 150 12.04 -5.78 10.87
C MET A 150 10.98 -4.69 10.71
N SER A 151 11.39 -3.50 10.30
CA SER A 151 10.44 -2.39 10.11
C SER A 151 9.37 -2.76 9.08
N ASN A 152 9.79 -3.41 8.00
CA ASN A 152 8.88 -3.76 6.94
C ASN A 152 7.93 -4.87 7.33
N MET A 153 8.43 -5.88 8.03
CA MET A 153 7.56 -6.92 8.55
C MET A 153 6.54 -6.33 9.53
N LEU A 154 7.02 -5.54 10.47
CA LEU A 154 6.16 -4.93 11.48
C LEU A 154 5.11 -3.95 10.90
N TYR A 155 5.54 -3.06 10.00
CA TYR A 155 4.60 -2.11 9.40
C TYR A 155 3.56 -2.81 8.51
N ALA A 156 4.04 -3.72 7.66
CA ALA A 156 3.18 -4.45 6.75
C ALA A 156 2.11 -5.23 7.50
N CYS A 157 2.52 -6.02 8.48
CA CYS A 157 1.56 -6.80 9.24
C CYS A 157 0.58 -5.91 10.01
N SER A 158 1.04 -4.73 10.46
CA SER A 158 0.19 -3.79 11.19
C SER A 158 -0.92 -3.24 10.31
N ILE A 159 -0.57 -2.95 9.06
CA ILE A 159 -1.51 -2.48 8.06
C ILE A 159 -2.57 -3.53 7.73
N LEU A 160 -2.11 -4.74 7.39
CA LEU A 160 -3.01 -5.88 7.15
C LEU A 160 -4.01 -6.05 8.29
N TYR A 161 -3.50 -5.94 9.51
CA TYR A 161 -4.33 -6.10 10.71
C TYR A 161 -5.30 -4.94 10.93
N LYS A 162 -4.80 -3.71 10.98
CA LYS A 162 -5.62 -2.58 11.35
C LYS A 162 -6.52 -2.12 10.20
N THR A 163 -6.07 -2.28 8.97
CA THR A 163 -6.87 -1.83 7.85
C THR A 163 -7.85 -2.90 7.40
N LYS A 164 -7.42 -4.16 7.52
CA LYS A 164 -8.21 -5.27 7.02
C LYS A 164 -8.52 -5.04 5.55
N LEU A 165 -7.50 -4.62 4.80
CA LEU A 165 -7.64 -4.40 3.36
C LEU A 165 -6.68 -5.31 2.60
N PRO A 166 -7.01 -5.64 1.34
CA PRO A 166 -6.12 -6.45 0.49
C PRO A 166 -4.79 -5.76 0.29
N MET A 167 -3.70 -6.50 0.23
CA MET A 167 -2.39 -5.85 0.12
C MET A 167 -1.53 -6.49 -0.94
N ILE A 168 -0.89 -5.66 -1.76
CA ILE A 168 0.12 -6.14 -2.69
C ILE A 168 1.48 -5.68 -2.21
N VAL A 169 2.34 -6.62 -1.87
CA VAL A 169 3.70 -6.25 -1.49
C VAL A 169 4.51 -6.02 -2.75
N VAL A 170 5.02 -4.80 -2.90
CA VAL A 170 5.71 -4.45 -4.11
C VAL A 170 7.20 -4.38 -3.85
N PHE A 171 7.92 -5.45 -4.22
CA PHE A 171 9.38 -5.38 -4.19
C PHE A 171 9.84 -4.49 -5.32
N ASN A 172 10.09 -3.23 -4.98
CA ASN A 172 10.46 -2.21 -5.96
C ASN A 172 11.94 -2.24 -6.39
N LYS A 173 12.27 -1.53 -7.48
CA LYS A 173 13.63 -1.42 -8.01
C LYS A 173 14.27 -2.78 -8.42
N THR A 174 13.52 -3.64 -9.09
CA THR A 174 14.06 -4.95 -9.50
C THR A 174 15.13 -4.80 -10.58
N ASP A 175 15.21 -3.62 -11.19
CA ASP A 175 16.23 -3.39 -12.20
C ASP A 175 17.65 -3.49 -11.63
N VAL A 176 17.81 -3.33 -10.32
CA VAL A 176 19.13 -3.56 -9.70
C VAL A 176 19.11 -4.72 -8.69
N CYS A 177 18.10 -5.58 -8.76
CA CYS A 177 18.06 -6.71 -7.84
C CYS A 177 18.09 -8.04 -8.55
N LYS A 178 18.26 -9.10 -7.76
CA LYS A 178 18.24 -10.47 -8.23
C LYS A 178 17.05 -10.68 -9.14
N ALA A 179 17.31 -11.19 -10.34
CA ALA A 179 16.24 -11.58 -11.27
C ALA A 179 15.25 -12.53 -10.57
N ASP A 180 13.98 -12.43 -10.95
CA ASP A 180 12.92 -13.29 -10.43
C ASP A 180 12.76 -13.11 -8.93
N PHE A 181 13.08 -11.93 -8.40
CA PHE A 181 13.09 -11.74 -6.94
C PHE A 181 11.75 -12.08 -6.28
N ALA A 182 10.64 -11.63 -6.88
CA ALA A 182 9.34 -11.74 -6.22
C ALA A 182 8.90 -13.20 -6.12
N LYS A 183 9.15 -13.95 -7.19
CA LYS A 183 8.80 -15.37 -7.22
C LYS A 183 9.67 -16.18 -6.25
N GLU A 184 10.94 -15.80 -6.14
CA GLU A 184 11.86 -16.55 -5.28
C GLU A 184 11.55 -16.23 -3.83
N TRP A 185 11.07 -15.01 -3.58
CA TRP A 185 10.62 -14.61 -2.26
C TRP A 185 9.43 -15.45 -1.81
N MET A 186 8.40 -15.53 -2.64
CA MET A 186 7.22 -16.34 -2.34
C MET A 186 7.61 -17.81 -2.16
N THR A 187 8.47 -18.32 -3.02
CA THR A 187 8.91 -19.72 -2.93
C THR A 187 9.59 -20.00 -1.59
N ASP A 188 10.49 -19.13 -1.15
CA ASP A 188 11.11 -19.32 0.16
C ASP A 188 10.14 -19.10 1.30
N PHE A 189 9.13 -18.24 1.12
CA PHE A 189 8.19 -18.03 2.21
C PHE A 189 7.30 -19.26 2.36
N GLU A 190 6.77 -19.74 1.25
CA GLU A 190 5.87 -20.88 1.24
C GLU A 190 6.58 -22.17 1.66
N SER A 191 7.80 -22.38 1.19
CA SER A 191 8.59 -23.54 1.59
C SER A 191 8.95 -23.42 3.07
N PHE A 192 8.94 -22.18 3.57
CA PHE A 192 9.13 -21.97 4.99
C PHE A 192 7.89 -22.36 5.79
N GLN A 193 6.71 -21.99 5.30
CA GLN A 193 5.45 -22.36 5.99
C GLN A 193 5.36 -23.86 6.15
N ALA A 194 5.82 -24.57 5.13
CA ALA A 194 5.68 -26.02 5.05
C ALA A 194 6.61 -26.71 6.03
N ALA A 195 7.83 -26.19 6.12
CA ALA A 195 8.83 -26.73 7.04
C ALA A 195 8.31 -26.65 8.46
N ILE A 196 7.57 -25.58 8.71
CA ILE A 196 6.96 -25.31 9.99
C ILE A 196 5.95 -26.39 10.42
N LYS A 197 5.27 -26.98 9.44
CA LYS A 197 4.11 -27.82 9.71
C LYS A 197 4.44 -29.31 9.89
N GLU A 198 5.72 -29.63 10.07
CA GLU A 198 6.17 -31.03 10.09
C GLU A 198 6.02 -31.74 11.45
N ASP A 199 5.79 -33.05 11.40
CA ASP A 199 5.68 -33.91 12.58
C ASP A 199 7.05 -34.23 13.17
N GLN A 200 7.87 -33.21 13.38
CA GLN A 200 9.14 -33.36 14.06
C GLN A 200 9.14 -32.56 15.35
N ASP A 201 10.08 -32.89 16.24
CA ASP A 201 10.15 -32.24 17.53
C ASP A 201 10.63 -30.80 17.38
N GLY A 202 9.84 -29.86 17.90
CA GLY A 202 10.16 -28.45 17.81
C GLY A 202 9.04 -27.66 17.14
N TYR A 203 8.10 -28.38 16.54
CA TYR A 203 7.02 -27.80 15.75
C TYR A 203 5.64 -28.24 16.20
N MET A 204 5.60 -29.17 17.14
CA MET A 204 4.34 -29.78 17.53
C MET A 204 3.59 -28.92 18.53
N SER A 205 4.32 -28.03 19.19
CA SER A 205 3.77 -27.21 20.27
C SER A 205 2.62 -26.32 19.83
N SER A 206 1.81 -25.92 20.80
CA SER A 206 0.63 -25.12 20.52
C SER A 206 1.09 -23.75 20.02
N LEU A 207 2.24 -23.29 20.52
CA LEU A 207 2.85 -22.04 20.10
C LEU A 207 3.21 -22.03 18.63
N VAL A 208 4.04 -22.98 18.23
CA VAL A 208 4.46 -23.06 16.84
C VAL A 208 3.24 -23.28 15.96
N ASN A 209 2.23 -23.98 16.48
CA ASN A 209 1.00 -24.07 15.70
C ASN A 209 0.29 -22.71 15.59
N SER A 210 0.37 -21.89 16.63
CA SER A 210 -0.30 -20.57 16.62
C SER A 210 0.40 -19.64 15.63
N MET A 211 1.73 -19.71 15.60
CA MET A 211 2.54 -18.98 14.64
C MET A 211 2.20 -19.36 13.20
N SER A 212 2.17 -20.66 12.94
CA SER A 212 1.87 -21.17 11.61
C SER A 212 0.54 -20.59 11.12
N LEU A 213 -0.47 -20.62 11.97
CA LEU A 213 -1.78 -20.05 11.66
C LEU A 213 -1.70 -18.55 11.39
N MET A 214 -0.97 -17.84 12.25
CA MET A 214 -0.80 -16.40 12.11
C MET A 214 -0.11 -16.08 10.79
N LEU A 215 0.91 -16.85 10.47
CA LEU A 215 1.59 -16.70 9.19
C LEU A 215 0.64 -16.87 8.02
N GLU A 216 -0.18 -17.91 8.07
CA GLU A 216 -1.06 -18.19 6.94
C GLU A 216 -2.13 -17.11 6.80
N GLU A 217 -2.58 -16.54 7.92
CA GLU A 217 -3.66 -15.56 7.88
C GLU A 217 -3.19 -14.26 7.22
N PHE A 218 -1.96 -13.85 7.55
CA PHE A 218 -1.34 -12.68 6.92
C PHE A 218 -1.04 -12.92 5.46
N TYR A 219 -0.34 -14.01 5.17
CA TYR A 219 0.09 -14.29 3.82
C TYR A 219 -1.08 -14.39 2.84
N SER A 220 -2.19 -14.95 3.29
CA SER A 220 -3.33 -15.21 2.42
C SER A 220 -4.07 -13.95 1.99
N GLN A 221 -3.90 -12.86 2.75
CA GLN A 221 -4.50 -11.57 2.40
C GLN A 221 -3.72 -10.83 1.33
N LEU A 222 -2.46 -11.20 1.17
CA LEU A 222 -1.58 -10.40 0.35
C LEU A 222 -1.18 -11.09 -0.93
N ASP A 223 -0.64 -10.30 -1.86
CA ASP A 223 0.00 -10.80 -3.07
C ASP A 223 1.40 -10.18 -3.18
N VAL A 224 2.30 -10.81 -3.92
CA VAL A 224 3.66 -10.31 -4.04
C VAL A 224 4.08 -10.08 -5.48
N VAL A 225 4.52 -8.86 -5.78
CA VAL A 225 5.13 -8.60 -7.09
C VAL A 225 6.41 -7.82 -6.96
N GLY A 226 7.29 -8.03 -7.93
CA GLY A 226 8.51 -7.28 -8.07
C GLY A 226 8.36 -6.34 -9.26
N VAL A 227 8.81 -5.10 -9.12
CA VAL A 227 8.71 -4.15 -10.21
C VAL A 227 9.92 -3.28 -10.24
N SER A 228 10.16 -2.70 -11.41
CA SER A 228 11.11 -1.61 -11.52
C SER A 228 10.36 -0.35 -11.92
N SER A 229 10.39 0.67 -11.07
CA SER A 229 9.70 1.93 -11.37
C SER A 229 10.37 2.71 -12.49
N PHE A 230 11.67 2.49 -12.65
CA PHE A 230 12.42 3.06 -13.76
C PHE A 230 11.96 2.53 -15.12
N THR A 231 11.94 1.20 -15.26
CA THR A 231 11.70 0.58 -16.55
C THR A 231 10.23 0.31 -16.86
N GLY A 232 9.40 0.19 -15.82
CA GLY A 232 8.02 -0.22 -16.01
C GLY A 232 7.88 -1.73 -16.04
N ASP A 233 9.01 -2.42 -15.84
CA ASP A 233 9.00 -3.88 -15.67
C ASP A 233 8.19 -4.28 -14.45
N GLY A 234 7.17 -5.09 -14.67
CA GLY A 234 6.39 -5.65 -13.57
C GLY A 234 5.05 -5.00 -13.35
N PHE A 235 4.77 -3.93 -14.08
CA PHE A 235 3.58 -3.13 -13.78
C PHE A 235 2.31 -3.75 -14.35
N ASP A 236 2.45 -4.48 -15.45
CA ASP A 236 1.39 -5.32 -15.95
C ASP A 236 0.93 -6.27 -14.86
N GLU A 237 1.88 -7.02 -14.30
CA GLU A 237 1.61 -7.99 -13.26
C GLU A 237 0.97 -7.30 -12.05
N PHE A 238 1.44 -6.10 -11.74
CA PHE A 238 0.91 -5.36 -10.60
C PHE A 238 -0.57 -5.12 -10.80
N MET A 239 -0.94 -4.61 -11.97
CA MET A 239 -2.33 -4.32 -12.25
C MET A 239 -3.18 -5.58 -12.27
N GLN A 240 -2.57 -6.69 -12.65
CA GLN A 240 -3.27 -7.97 -12.61
C GLN A 240 -3.67 -8.29 -11.19
N CYS A 241 -2.70 -8.16 -10.28
CA CYS A 241 -2.97 -8.37 -8.85
C CYS A 241 -4.05 -7.46 -8.34
N VAL A 242 -3.94 -6.18 -8.70
CA VAL A 242 -4.94 -5.20 -8.29
C VAL A 242 -6.31 -5.65 -8.75
N ASP A 243 -6.42 -5.90 -10.05
CA ASP A 243 -7.67 -6.40 -10.61
C ASP A 243 -8.12 -7.69 -9.90
N LYS A 244 -7.19 -8.59 -9.57
CA LYS A 244 -7.52 -9.82 -8.84
C LYS A 244 -8.15 -9.50 -7.49
N LYS A 245 -7.50 -8.61 -6.74
CA LYS A 245 -8.01 -8.24 -5.43
C LYS A 245 -9.32 -7.45 -5.56
N VAL A 246 -9.58 -6.87 -6.73
CA VAL A 246 -10.76 -6.02 -6.85
C VAL A 246 -12.09 -6.79 -6.91
N ASP A 247 -12.25 -7.76 -7.79
CA ASP A 247 -13.55 -8.46 -7.85
C ASP A 247 -13.74 -9.33 -6.62
N GLU A 248 -12.63 -9.71 -5.98
CA GLU A 248 -12.68 -10.47 -4.74
C GLU A 248 -13.24 -9.58 -3.62
N TYR A 249 -13.08 -8.27 -3.78
CA TYR A 249 -13.43 -7.31 -2.73
C TYR A 249 -14.88 -7.43 -2.25
N ASP A 250 -15.78 -7.70 -3.18
CA ASP A 250 -17.20 -7.84 -2.84
C ASP A 250 -17.39 -8.97 -1.84
N GLN A 251 -16.75 -10.09 -2.13
CA GLN A 251 -16.89 -11.29 -1.32
C GLN A 251 -16.24 -11.16 0.05
N TYR A 252 -14.97 -10.79 0.08
CA TYR A 252 -14.16 -10.96 1.29
C TYR A 252 -14.09 -9.74 2.19
N TYR A 253 -13.90 -8.57 1.58
CA TYR A 253 -13.50 -7.39 2.35
C TYR A 253 -14.63 -6.38 2.61
N LYS A 254 -15.73 -6.45 1.87
CA LYS A 254 -16.76 -5.44 2.00
C LYS A 254 -17.48 -5.57 3.33
N LYS A 255 -17.42 -6.79 3.89
CA LYS A 255 -17.96 -7.07 5.22
C LYS A 255 -17.44 -6.09 6.27
N HIS A 256 -16.15 -5.79 6.17
CA HIS A 256 -15.45 -5.00 7.19
C HIS A 256 -15.42 -3.49 6.93
N HIS A 257 -16.24 -3.00 5.98
CA HIS A 257 -16.22 -1.57 5.64
C HIS A 257 -17.58 -1.00 5.21
N HIS A 258 -18.29 -0.37 6.15
CA HIS A 258 -19.57 0.27 5.89
C HIS A 258 -19.57 1.74 6.30
N HIS A 259 -20.69 2.42 6.08
CA HIS A 259 -20.84 3.83 6.44
C HIS A 259 -22.30 4.27 6.35
#